data_5M46
#
_entry.id   5M46
#
_cell.length_a   87.613
_cell.length_b   76.527
_cell.length_c   58.570
_cell.angle_alpha   90.00
_cell.angle_beta   113.12
_cell.angle_gamma   90.00
#
_symmetry.space_group_name_H-M   'C 1 2 1'
#
loop_
_entity.id
_entity.type
_entity.pdbx_description
1 polymer 'Aminotransferase class-III'
2 non-polymer "PYRIDOXAL-5'-PHOSPHATE"
3 non-polymer 1,2-ETHANEDIOL
4 water water
#
_entity_poly.entity_id   1
_entity_poly.type   'polypeptide(L)'
_entity_poly.pdbx_seq_one_letter_code
;QGPAMAGNLYGRDGAAIGSLQKLRFFPLAVAGGQGARLVEEDGRELIDLSGAWGAASLGYGHPAIIEAVSRAAANPAGAS
ILSASNAPAVALAERLTASFPGRGTHKVWFGHSGSDANEAAYRAITRATGRTGVIAFIGAYHGCTVGSMAFSGHSVQADA
AKADGLILLPYPDPYRPYQDDPTGDAVLALLKERLAAVPAGSIAAAFIEPIQSDGGLIVPPDGFLRKFADICRAHGISVV
CDEVKVGLARSGRLHCFEHEGFVPDILVLGKGLGGGLPLSAVIAPAEILDCASAFAMQTLHGNPVCAAAGLAVLETIEAE
NLTTAAERKGKLLREGLARLAERHELIGDIRGRGLACGVELVRNRQSREPARAETAKLIYRAYELGLVLYYVGMNGNVLE
MTPPLTMTEDEVRHAVNLLDQAFTELSTVSDTLVSQFAGW
;
_entity_poly.pdbx_strand_id   A
#
loop_
_chem_comp.id
_chem_comp.type
_chem_comp.name
_chem_comp.formula
EDO non-polymer 1,2-ETHANEDIOL 'C2 H6 O2'
PLP non-polymer PYRIDOXAL-5'-PHOSPHATE 'C8 H10 N O6 P'
#
# COMPACT_ATOMS: atom_id res chain seq x y z
N GLN A 1 32.77 -6.34 -9.74
CA GLN A 1 33.26 -5.28 -8.85
C GLN A 1 34.24 -4.27 -9.52
N GLY A 2 34.21 -4.13 -10.87
CA GLY A 2 35.18 -3.32 -11.58
C GLY A 2 34.79 -1.86 -11.65
N PRO A 3 35.69 -1.00 -12.18
CA PRO A 3 35.43 0.45 -12.14
C PRO A 3 34.23 0.87 -12.97
N ALA A 4 34.01 0.23 -14.11
CA ALA A 4 32.83 0.67 -14.98
C ALA A 4 31.54 0.43 -14.25
N MET A 5 31.39 -0.74 -13.62
CA MET A 5 30.18 -1.01 -12.86
C MET A 5 30.09 -0.07 -11.65
N ALA A 6 31.22 0.16 -10.96
CA ALA A 6 31.22 1.02 -9.80
C ALA A 6 30.89 2.46 -10.17
N GLY A 7 31.21 2.86 -11.39
CA GLY A 7 30.92 4.23 -11.86
C GLY A 7 29.52 4.40 -12.47
N ASN A 8 28.71 3.35 -12.60
CA ASN A 8 27.37 3.45 -13.21
C ASN A 8 26.45 3.91 -12.12
N LEU A 9 25.21 4.18 -12.46
CA LEU A 9 24.34 4.82 -11.49
C LEU A 9 24.13 3.97 -10.29
N TYR A 10 24.06 2.64 -10.44
CA TYR A 10 23.90 1.76 -9.30
C TYR A 10 25.11 1.75 -8.38
N GLY A 11 26.28 1.76 -8.96
CA GLY A 11 27.52 1.86 -8.18
C GLY A 11 27.68 3.18 -7.42
N ARG A 12 27.35 4.26 -8.09
CA ARG A 12 27.35 5.60 -7.44
C ARG A 12 26.34 5.67 -6.28
N ASP A 13 25.20 5.02 -6.45
CA ASP A 13 24.19 4.94 -5.35
C ASP A 13 24.83 4.22 -4.15
N GLY A 14 25.54 3.12 -4.40
CA GLY A 14 26.21 2.49 -3.31
C GLY A 14 27.25 3.33 -2.60
N ALA A 15 27.98 4.14 -3.33
CA ALA A 15 29.02 5.00 -2.73
C ALA A 15 28.48 6.26 -2.03
N ALA A 16 27.26 6.72 -2.40
CA ALA A 16 26.77 7.99 -1.87
C ALA A 16 25.61 7.90 -0.93
N ILE A 17 24.79 6.85 -1.07
CA ILE A 17 23.53 6.71 -0.30
C ILE A 17 23.72 5.60 0.69
N GLY A 18 23.39 5.85 1.95
CA GLY A 18 23.56 4.77 2.88
C GLY A 18 22.57 3.66 2.73
N SER A 19 22.91 2.48 3.28
CA SER A 19 22.02 1.31 3.18
C SER A 19 20.76 1.39 4.05
N LEU A 20 20.80 2.30 4.99
CA LEU A 20 19.73 2.42 5.94
C LEU A 20 18.34 2.36 5.40
N GLN A 21 18.06 3.05 4.28
CA GLN A 21 16.71 3.09 3.73
C GLN A 21 16.54 2.20 2.49
N LYS A 22 17.53 1.38 2.16
CA LYS A 22 17.43 0.59 0.98
C LYS A 22 16.74 -0.78 1.22
N LEU A 23 15.96 -1.16 0.20
CA LEU A 23 15.24 -2.46 0.11
C LEU A 23 15.40 -2.87 -1.35
N ARG A 24 16.55 -3.48 -1.58
CA ARG A 24 17.02 -3.79 -2.91
C ARG A 24 17.01 -5.27 -3.25
N PHE A 25 16.46 -5.60 -4.42
CA PHE A 25 16.29 -7.01 -4.86
C PHE A 25 17.05 -7.32 -6.13
N PHE A 26 17.51 -6.27 -6.82
CA PHE A 26 18.24 -6.40 -8.10
C PHE A 26 18.71 -4.97 -8.39
N PRO A 27 19.65 -4.78 -9.30
CA PRO A 27 20.37 -3.46 -9.46
C PRO A 27 19.71 -2.48 -10.43
N LEU A 28 18.42 -2.24 -10.13
CA LEU A 28 17.61 -1.29 -10.83
C LEU A 28 18.09 0.11 -10.60
N ALA A 29 18.36 0.83 -11.67
CA ALA A 29 18.95 2.15 -11.65
C ALA A 29 18.29 2.99 -12.69
N VAL A 30 17.40 3.88 -12.25
CA VAL A 30 16.47 4.57 -13.13
C VAL A 30 16.91 6.00 -13.40
N ALA A 31 16.76 6.38 -14.68
CA ALA A 31 17.02 7.77 -15.16
C ALA A 31 15.81 8.49 -15.67
N GLY A 32 14.70 7.78 -15.92
CA GLY A 32 13.52 8.40 -16.44
C GLY A 32 12.37 7.40 -16.45
N GLY A 33 11.23 7.85 -16.99
CA GLY A 33 10.07 7.05 -17.01
C GLY A 33 8.96 7.69 -17.81
N GLN A 34 8.06 6.83 -18.36
CA GLN A 34 6.93 7.30 -19.14
C GLN A 34 5.88 6.20 -19.06
N GLY A 35 4.66 6.61 -18.78
CA GLY A 35 3.56 5.64 -18.66
C GLY A 35 3.85 4.69 -17.52
N ALA A 36 3.78 3.40 -17.78
CA ALA A 36 4.12 2.39 -16.87
C ALA A 36 5.52 1.80 -17.10
N ARG A 37 6.38 2.55 -17.73
CA ARG A 37 7.71 2.07 -18.10
C ARG A 37 8.78 2.95 -17.40
N LEU A 38 9.84 2.29 -16.94
CA LEU A 38 10.98 2.93 -16.36
C LEU A 38 12.09 2.86 -17.40
N VAL A 39 13.01 3.84 -17.41
CA VAL A 39 14.16 3.79 -18.33
C VAL A 39 15.43 3.82 -17.47
N GLU A 40 16.33 2.85 -17.63
CA GLU A 40 17.57 2.78 -16.85
C GLU A 40 18.65 3.75 -17.44
N GLU A 41 19.75 3.98 -16.67
CA GLU A 41 20.77 4.94 -17.12
C GLU A 41 21.28 4.60 -18.54
N ASP A 42 21.38 3.30 -18.76
CA ASP A 42 21.91 2.80 -20.02
C ASP A 42 20.95 2.85 -21.13
N GLY A 43 19.72 3.29 -20.87
CA GLY A 43 18.65 3.43 -21.87
C GLY A 43 17.65 2.27 -21.94
N ARG A 44 17.91 1.19 -21.20
CA ARG A 44 17.07 -0.01 -21.25
C ARG A 44 15.70 0.31 -20.61
N GLU A 45 14.63 -0.13 -21.26
CA GLU A 45 13.25 0.10 -20.79
C GLU A 45 12.70 -1.08 -20.07
N LEU A 46 11.94 -0.83 -19.01
CA LEU A 46 11.33 -1.90 -18.22
C LEU A 46 9.83 -1.60 -17.98
N ILE A 47 9.02 -2.61 -17.90
CA ILE A 47 7.59 -2.39 -17.46
C ILE A 47 7.61 -2.50 -15.94
N ASP A 48 6.96 -1.56 -15.25
CA ASP A 48 6.95 -1.49 -13.78
C ASP A 48 5.59 -2.00 -13.27
N LEU A 49 5.55 -3.28 -12.94
CA LEU A 49 4.36 -3.88 -12.36
C LEU A 49 4.24 -3.53 -10.87
N SER A 50 5.32 -3.03 -10.23
CA SER A 50 5.27 -2.48 -8.87
C SER A 50 4.61 -1.13 -8.79
N GLY A 51 4.67 -0.36 -9.84
CA GLY A 51 4.26 1.08 -9.76
C GLY A 51 4.81 1.83 -8.58
N ALA A 52 6.08 1.65 -8.25
CA ALA A 52 6.65 2.25 -7.06
C ALA A 52 5.95 1.88 -5.78
N TRP A 53 5.71 0.58 -5.59
CA TRP A 53 5.00 0.02 -4.45
C TRP A 53 3.56 0.50 -4.39
N GLY A 54 2.99 0.97 -5.50
CA GLY A 54 1.63 1.54 -5.52
C GLY A 54 1.56 3.05 -5.59
N ALA A 55 2.69 3.73 -5.36
CA ALA A 55 2.69 5.19 -5.28
C ALA A 55 2.49 5.87 -6.58
N ALA A 56 2.95 5.27 -7.70
CA ALA A 56 2.77 5.90 -8.98
C ALA A 56 1.45 5.53 -9.57
N SER A 57 0.39 6.05 -8.92
CA SER A 57 -0.99 5.72 -9.31
C SER A 57 -1.33 6.09 -10.74
N LEU A 58 -0.76 7.18 -11.23
CA LEU A 58 -1.02 7.60 -12.57
C LEU A 58 0.18 7.32 -13.50
N GLY A 59 1.06 6.45 -13.09
CA GLY A 59 2.25 6.18 -13.86
C GLY A 59 3.22 7.40 -13.88
N TYR A 60 4.09 7.40 -14.87
CA TYR A 60 5.18 8.38 -14.96
C TYR A 60 4.89 9.39 -16.03
N GLY A 61 5.07 10.64 -15.74
CA GLY A 61 4.78 11.72 -16.70
C GLY A 61 3.36 11.88 -17.11
N HIS A 62 2.43 11.66 -16.19
CA HIS A 62 1.02 11.83 -16.51
C HIS A 62 0.77 13.33 -16.67
N PRO A 63 0.09 13.70 -17.74
CA PRO A 63 -0.11 15.14 -17.93
C PRO A 63 -0.90 15.87 -16.82
N ALA A 64 -1.77 15.18 -16.11
CA ALA A 64 -2.48 15.87 -15.06
C ALA A 64 -1.54 16.25 -13.94
N ILE A 65 -0.63 15.37 -13.64
CA ILE A 65 0.37 15.66 -12.57
C ILE A 65 1.39 16.72 -13.08
N ILE A 66 1.88 16.61 -14.31
CA ILE A 66 2.71 17.68 -14.83
C ILE A 66 2.06 19.06 -14.71
N GLU A 67 0.82 19.19 -15.24
CA GLU A 67 0.07 20.42 -15.21
C GLU A 67 -0.12 20.94 -13.81
N ALA A 68 -0.54 20.10 -12.88
CA ALA A 68 -0.80 20.58 -11.51
C ALA A 68 0.45 21.01 -10.78
N VAL A 69 1.46 20.18 -10.82
CA VAL A 69 2.67 20.49 -10.09
C VAL A 69 3.37 21.74 -10.68
N SER A 70 3.39 21.85 -12.00
CA SER A 70 4.02 23.05 -12.65
CA SER A 70 4.01 23.03 -12.66
C SER A 70 3.22 24.28 -12.33
N ARG A 71 1.89 24.17 -12.34
CA ARG A 71 1.09 25.31 -12.00
C ARG A 71 1.31 25.74 -10.55
N ALA A 72 1.27 24.80 -9.61
CA ALA A 72 1.47 25.15 -8.26
C ALA A 72 2.91 25.68 -8.00
N ALA A 73 3.94 25.10 -8.58
CA ALA A 73 5.27 25.63 -8.42
C ALA A 73 5.41 27.04 -8.90
N ALA A 74 4.67 27.38 -9.97
CA ALA A 74 4.76 28.76 -10.56
C ALA A 74 4.00 29.77 -9.80
N ASN A 75 3.01 29.38 -9.03
CA ASN A 75 2.15 30.26 -8.24
C ASN A 75 1.70 29.53 -6.96
N PRO A 76 2.65 29.30 -6.03
CA PRO A 76 2.37 28.47 -4.87
C PRO A 76 1.68 29.27 -3.77
N ALA A 77 0.67 28.67 -3.19
CA ALA A 77 -0.04 29.29 -2.08
C ALA A 77 0.78 29.12 -0.81
N GLY A 78 1.92 29.78 -0.71
CA GLY A 78 2.86 29.49 0.40
C GLY A 78 3.49 28.13 0.29
N ALA A 79 3.84 27.58 1.42
CA ALA A 79 4.55 26.28 1.46
C ALA A 79 4.01 25.39 2.47
N SER A 80 2.94 25.76 3.18
CA SER A 80 2.61 24.99 4.43
C SER A 80 1.12 25.19 4.83
N ILE A 81 0.52 24.23 5.54
CA ILE A 81 -0.75 24.38 6.25
C ILE A 81 -0.64 24.74 7.69
N LEU A 82 0.55 24.80 8.27
CA LEU A 82 0.65 24.93 9.72
C LEU A 82 0.21 26.32 10.19
N SER A 83 0.82 27.35 9.62
CA SER A 83 0.60 28.71 10.09
C SER A 83 -0.17 29.55 9.13
N ALA A 84 -0.74 28.97 8.11
CA ALA A 84 -1.65 29.64 7.15
C ALA A 84 -2.60 28.59 6.60
N SER A 85 -3.82 28.99 6.31
CA SER A 85 -4.65 28.20 5.42
C SER A 85 -4.10 28.40 3.98
N ASN A 86 -4.23 27.39 3.12
CA ASN A 86 -3.82 27.58 1.70
C ASN A 86 -4.87 26.92 0.82
N ALA A 87 -5.07 27.51 -0.34
CA ALA A 87 -6.15 27.09 -1.19
C ALA A 87 -6.17 25.63 -1.64
N PRO A 88 -5.03 25.12 -2.18
CA PRO A 88 -5.05 23.74 -2.63
C PRO A 88 -5.26 22.72 -1.49
N ALA A 89 -4.68 22.99 -0.31
CA ALA A 89 -4.85 22.04 0.74
C ALA A 89 -6.32 21.97 1.24
N VAL A 90 -6.94 23.12 1.32
CA VAL A 90 -8.31 23.19 1.77
C VAL A 90 -9.23 22.44 0.73
N ALA A 91 -9.05 22.73 -0.56
CA ALA A 91 -9.82 22.12 -1.65
C ALA A 91 -9.62 20.61 -1.56
N LEU A 92 -8.39 20.18 -1.34
CA LEU A 92 -8.14 18.76 -1.20
C LEU A 92 -8.87 18.12 -0.03
N ALA A 93 -8.80 18.77 1.15
CA ALA A 93 -9.51 18.25 2.32
C ALA A 93 -10.99 18.13 2.09
N GLU A 94 -11.52 19.18 1.43
CA GLU A 94 -12.94 19.17 1.03
C GLU A 94 -13.34 17.99 0.13
N ARG A 95 -12.50 17.70 -0.86
CA ARG A 95 -12.76 16.66 -1.75
C ARG A 95 -12.64 15.29 -1.04
N LEU A 96 -11.63 15.18 -0.20
CA LEU A 96 -11.43 13.89 0.53
C LEU A 96 -12.59 13.64 1.52
N THR A 97 -13.01 14.67 2.25
CA THR A 97 -14.11 14.48 3.12
C THR A 97 -15.45 14.19 2.38
N ALA A 98 -15.67 14.84 1.24
CA ALA A 98 -16.87 14.64 0.43
C ALA A 98 -16.89 13.18 -0.05
N SER A 99 -15.70 12.59 -0.30
CA SER A 99 -15.61 11.21 -0.80
C SER A 99 -15.95 10.19 0.25
N PHE A 100 -16.01 10.55 1.50
CA PHE A 100 -16.10 9.58 2.53
C PHE A 100 -17.54 9.61 3.19
N PRO A 101 -18.14 8.49 3.61
CA PRO A 101 -19.52 8.53 4.20
C PRO A 101 -19.68 9.34 5.47
N GLY A 102 -18.60 9.54 6.21
CA GLY A 102 -18.59 10.45 7.35
C GLY A 102 -18.37 11.89 7.02
N ARG A 103 -18.66 12.27 5.76
CA ARG A 103 -18.51 13.66 5.32
C ARG A 103 -19.09 14.76 6.24
N GLY A 104 -20.23 14.53 6.91
CA GLY A 104 -20.77 15.56 7.85
C GLY A 104 -20.08 15.78 9.23
N THR A 105 -19.28 14.81 9.62
CA THR A 105 -18.76 14.80 10.94
C THR A 105 -17.22 14.81 10.89
N HIS A 106 -16.57 14.64 9.71
CA HIS A 106 -15.11 14.30 9.69
C HIS A 106 -14.30 15.52 9.14
N LYS A 107 -13.01 15.58 9.49
CA LYS A 107 -12.05 16.56 8.98
C LYS A 107 -10.82 15.75 8.57
N VAL A 108 -9.84 16.48 8.10
CA VAL A 108 -8.63 15.90 7.50
C VAL A 108 -7.39 16.47 8.20
N TRP A 109 -6.38 15.61 8.32
CA TRP A 109 -4.99 15.96 8.70
C TRP A 109 -4.13 15.51 7.55
N PHE A 110 -3.14 16.34 7.16
CA PHE A 110 -2.27 16.03 6.05
C PHE A 110 -0.87 15.69 6.61
N GLY A 111 -0.21 14.71 5.94
CA GLY A 111 1.21 14.31 6.27
C GLY A 111 2.02 14.14 5.04
N HIS A 112 3.18 13.58 5.25
CA HIS A 112 4.12 13.36 4.08
C HIS A 112 4.03 11.90 3.62
N SER A 113 3.66 10.96 4.50
CA SER A 113 3.79 9.54 4.26
C SER A 113 2.73 8.74 4.97
N GLY A 114 2.50 7.50 4.61
CA GLY A 114 1.66 6.60 5.34
C GLY A 114 2.09 6.38 6.79
N SER A 115 3.39 6.28 7.02
CA SER A 115 3.95 6.18 8.33
C SER A 115 3.54 7.39 9.20
N ASP A 116 3.68 8.57 8.66
CA ASP A 116 3.36 9.80 9.34
C ASP A 116 1.86 9.84 9.73
N ALA A 117 1.03 9.43 8.78
CA ALA A 117 -0.41 9.45 8.91
C ALA A 117 -0.88 8.44 9.98
N ASN A 118 -0.38 7.22 9.92
CA ASN A 118 -0.70 6.24 10.93
C ASN A 118 -0.21 6.68 12.32
N GLU A 119 0.98 7.25 12.41
CA GLU A 119 1.44 7.80 13.68
C GLU A 119 0.45 8.87 14.18
N ALA A 120 0.09 9.83 13.35
CA ALA A 120 -0.77 10.91 13.75
C ALA A 120 -2.16 10.35 14.21
N ALA A 121 -2.74 9.45 13.45
CA ALA A 121 -4.04 8.81 13.85
C ALA A 121 -3.96 8.20 15.22
N TYR A 122 -2.86 7.47 15.50
CA TYR A 122 -2.73 6.77 16.80
C TYR A 122 -2.59 7.81 17.88
N ARG A 123 -1.75 8.84 17.67
CA ARG A 123 -1.53 9.89 18.68
C ARG A 123 -2.84 10.64 18.95
N ALA A 124 -3.60 10.95 17.93
CA ALA A 124 -4.82 11.73 18.08
C ALA A 124 -5.89 10.89 18.86
N ILE A 125 -6.01 9.65 18.50
CA ILE A 125 -7.09 8.82 19.12
C ILE A 125 -6.73 8.59 20.60
N THR A 126 -5.47 8.28 20.88
CA THR A 126 -5.08 8.06 22.27
C THR A 126 -5.23 9.35 23.10
N ARG A 127 -4.95 10.51 22.54
CA ARG A 127 -5.13 11.80 23.19
C ARG A 127 -6.63 12.03 23.44
N ALA A 128 -7.43 11.83 22.42
CA ALA A 128 -8.86 12.11 22.48
C ALA A 128 -9.57 11.23 23.53
N THR A 129 -9.17 9.97 23.61
CA THR A 129 -9.85 9.00 24.46
C THR A 129 -9.17 8.89 25.86
N GLY A 130 -7.87 9.31 26.01
CA GLY A 130 -7.11 9.00 27.20
C GLY A 130 -6.77 7.53 27.44
N ARG A 131 -6.84 6.71 26.39
CA ARG A 131 -6.50 5.32 26.44
C ARG A 131 -5.42 5.05 25.43
N THR A 132 -4.50 4.12 25.71
CA THR A 132 -3.43 3.80 24.77
C THR A 132 -3.52 2.41 24.14
N GLY A 133 -4.47 1.59 24.60
CA GLY A 133 -4.48 0.21 24.10
C GLY A 133 -4.91 0.23 22.64
N VAL A 134 -4.39 -0.73 21.87
CA VAL A 134 -4.66 -0.77 20.48
C VAL A 134 -4.65 -2.20 20.01
N ILE A 135 -5.55 -2.52 19.07
CA ILE A 135 -5.59 -3.81 18.37
C ILE A 135 -4.94 -3.64 17.00
N ALA A 136 -4.09 -4.58 16.62
CA ALA A 136 -3.54 -4.66 15.25
C ALA A 136 -3.30 -6.07 14.86
N PHE A 137 -2.91 -6.33 13.62
CA PHE A 137 -2.65 -7.68 13.16
C PHE A 137 -1.18 -8.02 13.04
N ILE A 138 -0.87 -9.26 13.40
CA ILE A 138 0.41 -9.80 13.06
C ILE A 138 0.63 -9.69 11.58
N GLY A 139 1.83 -9.23 11.20
CA GLY A 139 2.12 -9.05 9.78
C GLY A 139 1.70 -7.67 9.23
N ALA A 140 1.01 -6.87 10.04
CA ALA A 140 0.48 -5.58 9.58
C ALA A 140 1.65 -4.68 9.22
N TYR A 141 1.51 -3.86 8.13
CA TYR A 141 2.54 -2.88 7.83
C TYR A 141 1.88 -1.52 7.96
N HIS A 142 2.18 -0.81 9.02
CA HIS A 142 1.62 0.53 9.22
C HIS A 142 2.65 1.64 9.05
N GLY A 143 3.92 1.30 8.91
CA GLY A 143 4.93 2.29 8.59
C GLY A 143 6.26 1.90 9.16
N CYS A 144 7.20 2.77 9.07
CA CYS A 144 8.61 2.48 9.48
C CYS A 144 9.18 3.67 10.19
N THR A 145 8.40 4.28 11.04
CA THR A 145 8.87 5.31 11.97
C THR A 145 8.58 4.77 13.37
N VAL A 146 9.28 5.34 14.37
CA VAL A 146 9.09 4.89 15.73
C VAL A 146 7.60 4.93 16.12
N GLY A 147 6.92 6.01 15.79
CA GLY A 147 5.53 6.16 16.12
C GLY A 147 4.56 5.24 15.36
N SER A 148 4.88 4.81 14.15
CA SER A 148 4.00 3.91 13.40
C SER A 148 4.34 2.42 13.64
N MET A 149 5.56 2.17 14.05
CA MET A 149 6.00 0.79 14.38
C MET A 149 5.52 0.32 15.72
N ALA A 150 5.22 1.24 16.58
CA ALA A 150 4.70 0.96 17.92
C ALA A 150 3.44 -0.02 17.89
N PHE A 151 2.66 -0.02 16.78
CA PHE A 151 1.49 -0.98 16.58
C PHE A 151 1.55 -1.66 15.22
N SER A 152 2.72 -1.70 14.55
CA SER A 152 2.87 -2.51 13.39
C SER A 152 3.08 -3.94 13.82
N GLY A 153 2.92 -4.84 12.84
CA GLY A 153 3.00 -6.29 13.10
C GLY A 153 4.06 -6.95 12.25
N HIS A 154 4.83 -6.15 11.52
CA HIS A 154 5.73 -6.66 10.44
C HIS A 154 7.15 -6.95 10.93
N ALA A 163 3.60 -0.31 21.28
CA ALA A 163 2.64 0.50 22.10
C ALA A 163 2.16 -0.17 23.39
N ASP A 164 1.84 0.64 24.38
CA ASP A 164 1.39 0.13 25.68
C ASP A 164 -0.04 -0.36 25.55
N GLY A 165 -0.23 -1.66 25.75
CA GLY A 165 -1.59 -2.21 25.66
C GLY A 165 -1.90 -2.77 24.27
N LEU A 166 -0.86 -3.06 23.50
CA LEU A 166 -1.01 -3.69 22.14
C LEU A 166 -1.64 -5.12 22.24
N ILE A 167 -2.73 -5.40 21.48
CA ILE A 167 -3.22 -6.77 21.22
C ILE A 167 -2.95 -7.09 19.74
N LEU A 168 -2.17 -8.12 19.43
CA LEU A 168 -1.89 -8.51 18.06
C LEU A 168 -2.62 -9.79 17.72
N LEU A 169 -3.37 -9.80 16.61
CA LEU A 169 -4.12 -10.95 16.16
C LEU A 169 -3.62 -11.54 14.87
N PRO A 170 -3.85 -12.81 14.63
CA PRO A 170 -3.60 -13.32 13.29
C PRO A 170 -4.53 -12.78 12.28
N TYR A 171 -4.03 -12.43 11.10
CA TYR A 171 -4.92 -11.96 10.02
C TYR A 171 -5.45 -13.17 9.26
N PRO A 172 -6.79 -13.29 9.12
CA PRO A 172 -7.34 -14.54 8.55
C PRO A 172 -7.07 -14.67 7.07
N ASP A 173 -6.38 -15.72 6.73
CA ASP A 173 -5.91 -15.99 5.34
C ASP A 173 -6.65 -17.18 4.77
N PRO A 174 -7.53 -16.98 3.79
CA PRO A 174 -8.26 -18.12 3.13
C PRO A 174 -7.34 -19.22 2.60
N TYR A 175 -6.12 -18.91 2.19
CA TYR A 175 -5.17 -19.94 1.72
C TYR A 175 -4.50 -20.73 2.85
N ARG A 176 -4.42 -20.16 4.04
CA ARG A 176 -3.81 -20.77 5.23
C ARG A 176 -4.58 -20.44 6.51
N PRO A 177 -5.80 -20.96 6.61
CA PRO A 177 -6.71 -20.40 7.61
C PRO A 177 -6.31 -20.72 9.07
N TYR A 178 -6.35 -19.70 9.92
CA TYR A 178 -6.11 -19.88 11.31
C TYR A 178 -7.11 -20.84 11.93
N GLN A 179 -6.58 -21.85 12.64
CA GLN A 179 -7.44 -22.88 13.23
C GLN A 179 -8.34 -23.61 12.19
N ASP A 180 -7.92 -23.66 10.94
CA ASP A 180 -8.61 -24.36 9.86
C ASP A 180 -10.01 -23.86 9.69
N ASP A 181 -10.19 -22.56 9.99
CA ASP A 181 -11.50 -21.99 9.96
C ASP A 181 -11.55 -20.97 8.80
N PRO A 182 -12.10 -21.36 7.63
CA PRO A 182 -12.08 -20.46 6.47
C PRO A 182 -12.91 -19.19 6.64
N THR A 183 -13.82 -19.15 7.58
CA THR A 183 -14.61 -17.96 7.78
C THR A 183 -13.83 -16.84 8.54
N GLY A 184 -12.79 -17.16 9.27
CA GLY A 184 -12.12 -16.21 10.16
C GLY A 184 -12.78 -16.03 11.53
N ASP A 185 -13.91 -16.72 11.75
CA ASP A 185 -14.62 -16.70 13.07
C ASP A 185 -13.68 -17.05 14.20
N ALA A 186 -12.74 -17.95 13.98
CA ALA A 186 -11.81 -18.24 15.09
C ALA A 186 -10.96 -17.04 15.55
N VAL A 187 -10.62 -16.18 14.60
CA VAL A 187 -9.88 -14.95 14.94
C VAL A 187 -10.76 -14.01 15.71
N LEU A 188 -12.02 -13.86 15.29
CA LEU A 188 -12.97 -13.05 16.10
C LEU A 188 -13.14 -13.60 17.53
N ALA A 189 -13.30 -14.91 17.68
CA ALA A 189 -13.38 -15.51 18.97
C ALA A 189 -12.16 -15.25 19.80
N LEU A 190 -10.99 -15.34 19.17
CA LEU A 190 -9.74 -15.01 19.89
C LEU A 190 -9.73 -13.55 20.42
N LEU A 191 -10.18 -12.61 19.58
CA LEU A 191 -10.29 -11.24 19.93
C LEU A 191 -11.19 -11.07 21.11
N LYS A 192 -12.35 -11.73 21.08
CA LYS A 192 -13.24 -11.63 22.25
C LYS A 192 -12.63 -12.14 23.53
N GLU A 193 -11.91 -13.23 23.49
CA GLU A 193 -11.25 -13.76 24.64
C GLU A 193 -10.13 -12.86 25.09
N ARG A 194 -9.38 -12.23 24.16
CA ARG A 194 -8.38 -11.22 24.59
C ARG A 194 -9.05 -10.00 25.27
N LEU A 195 -10.12 -9.50 24.70
CA LEU A 195 -10.78 -8.35 25.26
C LEU A 195 -11.35 -8.62 26.63
N ALA A 196 -11.74 -9.89 26.85
CA ALA A 196 -12.25 -10.28 28.18
C ALA A 196 -11.22 -10.19 29.28
N ALA A 197 -9.98 -10.12 28.92
CA ALA A 197 -8.88 -10.15 29.88
C ALA A 197 -8.34 -8.75 30.16
N VAL A 198 -8.94 -7.71 29.59
CA VAL A 198 -8.48 -6.34 29.83
C VAL A 198 -9.59 -5.53 30.45
N PRO A 199 -9.25 -4.39 31.12
CA PRO A 199 -10.27 -3.56 31.69
C PRO A 199 -11.16 -2.94 30.70
N ALA A 200 -12.41 -2.88 31.05
CA ALA A 200 -13.39 -2.18 30.25
C ALA A 200 -12.97 -0.81 29.81
N GLY A 201 -13.08 -0.60 28.50
CA GLY A 201 -12.83 0.70 27.89
C GLY A 201 -11.33 1.01 27.71
N SER A 202 -10.42 0.07 27.95
CA SER A 202 -8.95 0.36 27.90
C SER A 202 -8.35 0.35 26.50
N ILE A 203 -9.15 -0.12 25.51
CA ILE A 203 -8.58 -0.14 24.08
C ILE A 203 -9.16 1.04 23.37
N ALA A 204 -8.31 1.85 22.79
CA ALA A 204 -8.76 3.05 22.09
C ALA A 204 -9.12 2.80 20.64
N ALA A 205 -8.34 1.97 19.98
CA ALA A 205 -8.48 1.84 18.52
C ALA A 205 -8.03 0.47 18.01
N ALA A 206 -8.47 0.18 16.78
CA ALA A 206 -8.16 -1.04 16.04
C ALA A 206 -7.69 -0.60 14.70
N PHE A 207 -6.47 -0.97 14.32
CA PHE A 207 -5.91 -0.70 13.01
C PHE A 207 -6.03 -1.89 12.14
N ILE A 208 -6.66 -1.77 10.99
CA ILE A 208 -6.75 -2.88 10.11
C ILE A 208 -6.43 -2.50 8.69
N GLU A 209 -5.93 -3.42 7.96
CA GLU A 209 -5.74 -3.28 6.52
C GLU A 209 -6.82 -4.08 5.84
N PRO A 210 -7.53 -3.48 4.88
CA PRO A 210 -8.62 -4.29 4.30
C PRO A 210 -8.20 -5.36 3.29
N ILE A 211 -6.96 -5.26 2.81
CA ILE A 211 -6.24 -6.38 2.19
C ILE A 211 -4.87 -6.23 2.83
N GLN A 212 -4.35 -7.27 3.44
CA GLN A 212 -3.07 -7.17 4.14
C GLN A 212 -1.91 -7.11 3.12
N SER A 213 -1.11 -6.07 3.23
CA SER A 213 -0.08 -5.74 2.18
C SER A 213 1.15 -6.61 2.31
N ASP A 214 2.04 -6.22 3.22
CA ASP A 214 3.30 -6.92 3.43
C ASP A 214 3.11 -8.36 3.88
N GLY A 215 2.01 -8.65 4.60
CA GLY A 215 1.57 -9.98 4.98
C GLY A 215 1.36 -10.99 3.87
N GLY A 216 1.11 -10.48 2.68
CA GLY A 216 0.97 -11.31 1.47
C GLY A 216 -0.14 -11.00 0.53
N LEU A 217 -0.59 -9.73 0.42
CA LEU A 217 -1.76 -9.37 -0.36
C LEU A 217 -2.93 -10.27 0.00
N ILE A 218 -3.24 -10.40 1.30
CA ILE A 218 -4.26 -11.37 1.81
C ILE A 218 -5.75 -10.93 2.00
N VAL A 219 -6.61 -11.11 0.99
CA VAL A 219 -7.98 -10.69 1.07
C VAL A 219 -8.65 -11.52 2.15
N PRO A 220 -9.19 -10.89 3.19
CA PRO A 220 -9.80 -11.69 4.25
C PRO A 220 -11.10 -12.38 3.83
N PRO A 221 -11.52 -13.37 4.60
CA PRO A 221 -12.74 -14.07 4.25
C PRO A 221 -14.00 -13.16 4.23
N ASP A 222 -14.95 -13.53 3.39
CA ASP A 222 -16.19 -12.79 3.31
C ASP A 222 -16.83 -12.56 4.69
N GLY A 223 -17.16 -11.30 4.99
CA GLY A 223 -17.85 -10.99 6.21
C GLY A 223 -16.99 -10.64 7.41
N PHE A 224 -15.74 -11.07 7.37
CA PHE A 224 -14.85 -11.02 8.54
C PHE A 224 -14.70 -9.56 9.01
N LEU A 225 -14.38 -8.66 8.11
CA LEU A 225 -14.07 -7.27 8.50
C LEU A 225 -15.30 -6.54 9.05
N ARG A 226 -16.46 -6.83 8.46
CA ARG A 226 -17.73 -6.28 9.00
C ARG A 226 -17.93 -6.76 10.46
N LYS A 227 -17.74 -8.07 10.68
CA LYS A 227 -17.89 -8.63 11.98
C LYS A 227 -16.88 -8.04 12.99
N PHE A 228 -15.64 -7.91 12.53
CA PHE A 228 -14.60 -7.29 13.33
C PHE A 228 -14.95 -5.89 13.75
N ALA A 229 -15.42 -5.13 12.76
CA ALA A 229 -15.86 -3.73 13.02
C ALA A 229 -17.01 -3.70 14.05
N ASP A 230 -17.92 -4.64 13.98
CA ASP A 230 -19.00 -4.71 14.96
C ASP A 230 -18.55 -5.00 16.38
N ILE A 231 -17.58 -5.87 16.55
CA ILE A 231 -17.00 -6.14 17.85
C ILE A 231 -16.36 -4.85 18.36
N CYS A 232 -15.57 -4.18 17.54
CA CYS A 232 -14.98 -2.92 17.97
C CYS A 232 -16.00 -1.93 18.40
N ARG A 233 -17.04 -1.73 17.61
CA ARG A 233 -18.00 -0.70 17.97
C ARG A 233 -18.77 -1.09 19.28
N ALA A 234 -18.93 -2.39 19.50
CA ALA A 234 -19.63 -2.83 20.74
C ALA A 234 -18.86 -2.39 21.98
N HIS A 235 -17.52 -2.31 21.88
CA HIS A 235 -16.61 -1.85 22.91
C HIS A 235 -16.23 -0.37 22.84
N GLY A 236 -16.83 0.41 21.98
CA GLY A 236 -16.43 1.80 21.71
C GLY A 236 -14.99 1.99 21.24
N ILE A 237 -14.47 1.02 20.46
CA ILE A 237 -13.16 1.04 19.88
C ILE A 237 -13.22 1.63 18.49
N SER A 238 -12.40 2.67 18.22
CA SER A 238 -12.42 3.33 16.91
CA SER A 238 -12.41 3.34 16.93
C SER A 238 -11.77 2.41 15.87
N VAL A 239 -12.43 2.21 14.76
CA VAL A 239 -11.91 1.38 13.69
C VAL A 239 -11.12 2.26 12.65
N VAL A 240 -9.81 1.97 12.53
CA VAL A 240 -8.95 2.72 11.62
C VAL A 240 -8.63 1.78 10.42
N CYS A 241 -9.02 2.20 9.25
CA CYS A 241 -8.77 1.47 8.03
C CYS A 241 -7.58 2.06 7.30
N ASP A 242 -6.49 1.31 7.32
CA ASP A 242 -5.23 1.74 6.64
C ASP A 242 -5.33 1.35 5.20
N GLU A 243 -5.69 2.31 4.34
CA GLU A 243 -5.82 2.11 2.93
C GLU A 243 -4.69 2.81 2.13
N VAL A 244 -3.56 2.94 2.77
CA VAL A 244 -2.33 3.48 2.11
C VAL A 244 -2.02 2.66 0.85
N LYS A 245 -2.07 1.36 0.94
CA LYS A 245 -1.76 0.51 -0.16
C LYS A 245 -2.91 0.30 -1.18
N VAL A 246 -4.14 0.05 -0.72
CA VAL A 246 -5.22 -0.44 -1.57
C VAL A 246 -6.36 0.50 -1.76
N GLY A 247 -6.19 1.76 -1.28
CA GLY A 247 -7.21 2.79 -1.43
C GLY A 247 -7.21 3.44 -2.79
N LEU A 248 -8.02 4.46 -2.83
CA LEU A 248 -8.20 5.38 -3.96
C LEU A 248 -8.18 4.69 -5.34
N ALA A 249 -9.21 3.92 -5.58
CA ALA A 249 -9.55 3.32 -6.83
C ALA A 249 -8.81 2.00 -7.12
N ARG A 250 -7.71 1.71 -6.44
CA ARG A 250 -6.87 0.54 -6.78
C ARG A 250 -7.66 -0.77 -6.67
N SER A 251 -8.61 -0.83 -5.73
CA SER A 251 -9.34 -2.08 -5.49
C SER A 251 -10.52 -2.29 -6.48
N GLY A 252 -10.77 -1.30 -7.36
CA GLY A 252 -11.98 -1.33 -8.26
C GLY A 252 -13.20 -0.72 -7.67
N ARG A 253 -13.11 -0.28 -6.37
CA ARG A 253 -14.05 0.72 -5.79
C ARG A 253 -13.19 1.86 -5.28
N LEU A 254 -13.78 3.02 -5.05
CA LEU A 254 -12.96 4.13 -4.68
C LEU A 254 -12.19 3.80 -3.35
N HIS A 255 -12.97 3.43 -2.34
CA HIS A 255 -12.38 2.99 -1.04
C HIS A 255 -12.53 1.48 -0.90
N CYS A 256 -11.48 0.80 -0.47
CA CYS A 256 -11.55 -0.65 -0.39
C CYS A 256 -12.59 -1.17 0.58
N PHE A 257 -12.84 -0.45 1.65
CA PHE A 257 -13.87 -0.86 2.59
C PHE A 257 -15.29 -1.00 1.91
N GLU A 258 -15.47 -0.43 0.74
CA GLU A 258 -16.74 -0.55 0.01
C GLU A 258 -17.02 -2.01 -0.39
N HIS A 259 -16.02 -2.82 -0.50
CA HIS A 259 -16.22 -4.19 -0.77
C HIS A 259 -16.66 -5.02 0.46
N GLU A 260 -16.57 -4.42 1.65
CA GLU A 260 -16.56 -5.21 2.88
C GLU A 260 -17.76 -4.89 3.79
N GLY A 261 -18.72 -4.09 3.35
CA GLY A 261 -19.93 -3.92 4.14
C GLY A 261 -19.80 -3.18 5.46
N PHE A 262 -18.73 -2.39 5.65
CA PHE A 262 -18.62 -1.53 6.87
C PHE A 262 -18.01 -0.19 6.43
N VAL A 263 -18.14 0.79 7.29
CA VAL A 263 -17.46 2.09 7.10
C VAL A 263 -16.54 2.29 8.36
N PRO A 264 -15.23 2.52 8.18
CA PRO A 264 -14.40 2.80 9.36
C PRO A 264 -14.67 4.13 10.02
N ASP A 265 -14.21 4.26 11.26
CA ASP A 265 -14.22 5.54 11.88
C ASP A 265 -13.20 6.49 11.31
N ILE A 266 -12.05 5.94 10.97
CA ILE A 266 -10.90 6.73 10.50
C ILE A 266 -10.38 6.05 9.28
N LEU A 267 -10.01 6.86 8.27
CA LEU A 267 -9.45 6.31 7.01
C LEU A 267 -8.05 6.93 6.87
N VAL A 268 -7.04 6.09 6.63
CA VAL A 268 -5.66 6.53 6.41
C VAL A 268 -5.27 6.29 4.97
N LEU A 269 -4.78 7.33 4.32
CA LEU A 269 -4.39 7.27 2.90
C LEU A 269 -2.92 7.73 2.71
N GLY A 270 -2.34 7.30 1.62
CA GLY A 270 -0.92 7.66 1.33
C GLY A 270 -0.53 7.14 -0.02
N LYS A 271 0.74 6.78 -0.16
CA LYS A 271 1.22 6.23 -1.43
C LYS A 271 0.66 6.93 -2.64
N GLY A 272 -0.18 6.25 -3.40
CA GLY A 272 -0.73 6.80 -4.64
C GLY A 272 -1.57 8.05 -4.57
N LEU A 273 -2.00 8.45 -3.35
CA LEU A 273 -2.64 9.75 -3.18
C LEU A 273 -1.80 10.84 -3.78
N GLY A 274 -0.48 10.80 -3.71
CA GLY A 274 0.38 11.89 -4.24
C GLY A 274 0.83 11.70 -5.66
N GLY A 275 0.48 10.60 -6.26
CA GLY A 275 0.87 10.25 -7.63
C GLY A 275 2.38 10.30 -7.94
N GLY A 276 3.20 10.13 -6.91
CA GLY A 276 4.65 10.19 -6.97
C GLY A 276 5.32 11.36 -6.17
N LEU A 277 4.49 12.20 -5.57
CA LEU A 277 4.88 13.18 -4.59
C LEU A 277 4.49 12.69 -3.21
N PRO A 278 5.23 13.20 -2.18
CA PRO A 278 4.92 12.72 -0.83
C PRO A 278 3.69 13.36 -0.25
N LEU A 279 2.61 12.59 -0.15
CA LEU A 279 1.34 13.09 0.41
C LEU A 279 0.60 11.99 1.14
N SER A 280 0.10 12.30 2.35
CA SER A 280 -0.73 11.38 3.08
C SER A 280 -1.91 12.18 3.75
N ALA A 281 -2.87 11.42 4.24
CA ALA A 281 -4.02 12.02 4.84
C ALA A 281 -4.65 11.08 5.85
N VAL A 282 -5.22 11.67 6.88
CA VAL A 282 -6.12 10.97 7.83
C VAL A 282 -7.46 11.65 7.74
N ILE A 283 -8.56 10.89 7.54
CA ILE A 283 -9.92 11.47 7.56
C ILE A 283 -10.54 10.87 8.83
N ALA A 284 -10.87 11.74 9.81
CA ALA A 284 -11.31 11.28 11.11
C ALA A 284 -12.36 12.18 11.66
N PRO A 285 -13.11 11.70 12.65
CA PRO A 285 -14.12 12.53 13.26
C PRO A 285 -13.51 13.85 13.77
N ALA A 286 -14.26 14.92 13.62
CA ALA A 286 -13.78 16.25 14.09
C ALA A 286 -13.30 16.24 15.55
N GLU A 287 -14.02 15.56 16.42
CA GLU A 287 -13.64 15.50 17.83
C GLU A 287 -12.24 14.87 18.07
N ILE A 288 -11.79 13.98 17.17
CA ILE A 288 -10.51 13.37 17.28
C ILE A 288 -9.43 14.37 16.82
N LEU A 289 -9.66 14.92 15.64
CA LEU A 289 -8.64 15.84 15.05
C LEU A 289 -8.61 17.22 15.59
N ASP A 290 -9.62 17.61 16.40
CA ASP A 290 -9.71 18.90 17.05
C ASP A 290 -9.34 18.82 18.55
N CYS A 291 -8.92 17.67 19.02
CA CYS A 291 -8.60 17.48 20.45
C CYS A 291 -7.32 18.15 20.92
N ALA A 292 -6.50 18.66 20.02
CA ALA A 292 -5.31 19.43 20.38
C ALA A 292 -5.01 20.37 19.21
N SER A 293 -4.11 21.31 19.43
CA SER A 293 -3.53 22.09 18.35
C SER A 293 -2.00 22.08 18.47
N ALA A 294 -1.31 22.35 17.35
CA ALA A 294 0.16 22.36 17.35
C ALA A 294 0.74 21.10 17.94
N PHE A 295 0.17 19.99 17.55
CA PHE A 295 0.42 18.71 18.24
C PHE A 295 1.09 17.73 17.38
N ALA A 296 0.72 17.64 16.13
CA ALA A 296 1.35 16.67 15.21
C ALA A 296 1.59 17.42 13.91
N MET A 297 2.71 18.10 13.81
CA MET A 297 2.95 19.03 12.72
C MET A 297 4.38 18.96 12.21
N GLN A 298 4.54 19.03 10.87
CA GLN A 298 5.81 19.10 10.23
C GLN A 298 5.68 20.29 9.24
N THR A 299 6.75 21.06 9.11
CA THR A 299 6.73 22.36 8.39
C THR A 299 6.11 22.36 7.01
N LEU A 300 6.44 21.38 6.19
CA LEU A 300 5.95 21.29 4.81
C LEU A 300 4.60 20.49 4.68
N HIS A 301 3.97 20.10 5.75
CA HIS A 301 2.64 19.42 5.72
C HIS A 301 1.70 20.38 4.96
N GLY A 302 1.00 19.82 3.98
CA GLY A 302 -0.06 20.56 3.26
C GLY A 302 0.54 21.54 2.30
N ASN A 303 1.82 21.40 1.92
CA ASN A 303 2.40 22.29 0.93
C ASN A 303 1.61 22.20 -0.38
N PRO A 304 1.47 23.35 -1.07
CA PRO A 304 0.61 23.32 -2.27
C PRO A 304 1.04 22.49 -3.44
N VAL A 305 2.33 22.25 -3.62
CA VAL A 305 2.73 21.40 -4.75
C VAL A 305 2.22 20.00 -4.50
N CYS A 306 2.45 19.47 -3.32
CA CYS A 306 1.97 18.11 -3.05
C CYS A 306 0.40 18.07 -3.01
N ALA A 307 -0.23 19.07 -2.40
CA ALA A 307 -1.66 19.16 -2.44
C ALA A 307 -2.23 19.16 -3.87
N ALA A 308 -1.55 19.93 -4.77
CA ALA A 308 -1.91 19.97 -6.20
C ALA A 308 -1.82 18.64 -6.83
N ALA A 309 -0.78 17.88 -6.49
CA ALA A 309 -0.70 16.52 -6.98
C ALA A 309 -1.85 15.61 -6.53
N GLY A 310 -2.20 15.69 -5.27
CA GLY A 310 -3.29 14.94 -4.75
C GLY A 310 -4.62 15.31 -5.44
N LEU A 311 -4.85 16.61 -5.63
CA LEU A 311 -6.00 17.04 -6.46
C LEU A 311 -5.99 16.46 -7.84
N ALA A 312 -4.85 16.41 -8.47
CA ALA A 312 -4.74 15.79 -9.79
C ALA A 312 -5.04 14.36 -9.77
N VAL A 313 -4.60 13.63 -8.79
CA VAL A 313 -4.91 12.23 -8.68
C VAL A 313 -6.44 11.99 -8.53
N LEU A 314 -7.07 12.74 -7.63
CA LEU A 314 -8.50 12.61 -7.44
C LEU A 314 -9.29 12.98 -8.71
N GLU A 315 -8.90 14.08 -9.37
CA GLU A 315 -9.55 14.53 -10.58
C GLU A 315 -9.40 13.46 -11.71
N THR A 316 -8.23 12.85 -11.79
CA THR A 316 -7.94 11.90 -12.82
C THR A 316 -8.64 10.56 -12.56
N ILE A 317 -8.83 10.22 -11.32
CA ILE A 317 -9.61 9.01 -11.00
C ILE A 317 -11.02 9.18 -11.61
N GLU A 318 -11.53 10.38 -11.47
CA GLU A 318 -12.85 10.72 -12.05
C GLU A 318 -12.81 10.80 -13.51
N ALA A 319 -11.91 11.61 -14.07
CA ALA A 319 -11.88 11.82 -15.52
C ALA A 319 -11.54 10.67 -16.43
N GLU A 320 -10.70 9.76 -15.96
CA GLU A 320 -10.27 8.57 -16.64
C GLU A 320 -10.91 7.32 -16.09
N ASN A 321 -11.94 7.46 -15.27
CA ASN A 321 -12.79 6.35 -14.78
C ASN A 321 -11.95 5.26 -14.24
N LEU A 322 -11.05 5.65 -13.35
CA LEU A 322 -10.01 4.68 -12.95
C LEU A 322 -10.46 3.60 -11.97
N THR A 323 -11.55 3.82 -11.23
CA THR A 323 -12.12 2.73 -10.49
C THR A 323 -12.51 1.60 -11.38
N THR A 324 -13.29 1.92 -12.42
CA THR A 324 -13.68 0.89 -13.36
C THR A 324 -12.48 0.35 -14.12
N ALA A 325 -11.49 1.19 -14.43
CA ALA A 325 -10.27 0.68 -15.08
C ALA A 325 -9.58 -0.35 -14.25
N ALA A 326 -9.45 -0.08 -12.95
CA ALA A 326 -8.75 -1.03 -12.10
C ALA A 326 -9.48 -2.34 -12.06
N GLU A 327 -10.80 -2.33 -11.99
CA GLU A 327 -11.61 -3.58 -11.97
C GLU A 327 -11.41 -4.33 -13.31
N ARG A 328 -11.48 -3.61 -14.42
CA ARG A 328 -11.32 -4.27 -15.80
C ARG A 328 -9.94 -4.80 -16.01
N LYS A 329 -8.97 -3.93 -15.73
CA LYS A 329 -7.54 -4.33 -15.98
C LYS A 329 -7.08 -5.38 -14.94
N GLY A 330 -7.61 -5.35 -13.76
CA GLY A 330 -7.38 -6.45 -12.79
C GLY A 330 -7.94 -7.81 -13.22
N LYS A 331 -9.10 -7.82 -13.82
CA LYS A 331 -9.65 -9.05 -14.41
C LYS A 331 -8.75 -9.59 -15.55
N LEU A 332 -8.23 -8.69 -16.37
CA LEU A 332 -7.38 -9.03 -17.48
C LEU A 332 -6.07 -9.63 -17.00
N LEU A 333 -5.50 -8.96 -15.97
CA LEU A 333 -4.29 -9.45 -15.30
C LEU A 333 -4.49 -10.84 -14.70
N ARG A 334 -5.54 -10.98 -13.96
CA ARG A 334 -5.87 -12.25 -13.31
C ARG A 334 -6.15 -13.38 -14.36
N GLU A 335 -6.76 -13.06 -15.48
CA GLU A 335 -6.93 -13.98 -16.62
C GLU A 335 -5.62 -14.43 -17.12
N GLY A 336 -4.70 -13.52 -17.34
CA GLY A 336 -3.35 -13.81 -17.80
C GLY A 336 -2.61 -14.72 -16.84
N LEU A 337 -2.65 -14.39 -15.53
CA LEU A 337 -2.02 -15.17 -14.53
C LEU A 337 -2.59 -16.60 -14.41
N ALA A 338 -3.93 -16.71 -14.54
CA ALA A 338 -4.61 -18.01 -14.58
C ALA A 338 -4.08 -18.86 -15.77
N ARG A 339 -3.79 -18.22 -16.87
CA ARG A 339 -3.17 -18.94 -18.05
C ARG A 339 -1.75 -19.41 -17.69
N LEU A 340 -0.96 -18.54 -17.05
CA LEU A 340 0.35 -18.88 -16.53
C LEU A 340 0.25 -20.09 -15.56
N ALA A 341 -0.79 -20.15 -14.73
CA ALA A 341 -0.93 -21.22 -13.74
C ALA A 341 -1.20 -22.57 -14.39
N GLU A 342 -1.71 -22.57 -15.63
CA GLU A 342 -1.83 -23.85 -16.39
C GLU A 342 -0.46 -24.50 -16.65
N ARG A 343 0.56 -23.67 -16.84
CA ARG A 343 1.89 -24.06 -17.30
C ARG A 343 2.94 -24.12 -16.15
N HIS A 344 2.79 -23.26 -15.16
CA HIS A 344 3.73 -23.18 -14.06
C HIS A 344 3.15 -23.56 -12.70
N GLU A 345 3.47 -24.80 -12.28
CA GLU A 345 3.03 -25.41 -11.06
C GLU A 345 3.34 -24.59 -9.81
N LEU A 346 4.43 -23.80 -9.88
CA LEU A 346 4.79 -22.94 -8.75
C LEU A 346 3.61 -22.07 -8.33
N ILE A 347 2.79 -21.65 -9.24
CA ILE A 347 1.68 -20.75 -8.86
C ILE A 347 0.65 -21.52 -8.04
N GLY A 348 0.50 -21.14 -6.78
CA GLY A 348 -0.41 -21.72 -5.83
C GLY A 348 -1.71 -20.98 -5.62
N ASP A 349 -1.65 -19.65 -5.63
CA ASP A 349 -2.83 -18.85 -5.35
C ASP A 349 -2.70 -17.51 -6.12
N ILE A 350 -3.78 -17.05 -6.73
CA ILE A 350 -3.79 -15.75 -7.37
C ILE A 350 -4.92 -15.04 -6.64
N ARG A 351 -4.64 -13.89 -6.05
CA ARG A 351 -5.65 -13.20 -5.23
C ARG A 351 -5.56 -11.69 -5.30
N GLY A 352 -6.55 -11.00 -4.69
CA GLY A 352 -6.55 -9.56 -4.61
C GLY A 352 -7.78 -8.95 -5.12
N ARG A 353 -7.78 -7.60 -5.28
CA ARG A 353 -8.91 -6.94 -5.83
C ARG A 353 -8.36 -5.85 -6.74
N GLY A 354 -9.02 -5.66 -7.87
CA GLY A 354 -8.61 -4.60 -8.80
C GLY A 354 -7.14 -4.82 -9.26
N LEU A 355 -6.36 -3.77 -9.15
CA LEU A 355 -4.91 -3.79 -9.44
C LEU A 355 -4.11 -3.86 -8.14
N ALA A 356 -4.62 -4.54 -7.12
CA ALA A 356 -3.77 -5.01 -6.03
C ALA A 356 -3.86 -6.51 -6.09
N CYS A 357 -2.84 -7.10 -6.68
CA CYS A 357 -2.82 -8.51 -6.96
C CYS A 357 -1.64 -9.20 -6.31
N GLY A 358 -1.87 -10.35 -5.67
CA GLY A 358 -0.74 -11.16 -5.17
C GLY A 358 -0.77 -12.57 -5.82
N VAL A 359 0.41 -13.08 -6.11
CA VAL A 359 0.57 -14.45 -6.60
C VAL A 359 1.50 -15.24 -5.67
N GLU A 360 0.96 -16.21 -4.96
CA GLU A 360 1.72 -16.97 -4.00
C GLU A 360 2.34 -18.22 -4.63
N LEU A 361 3.63 -18.38 -4.39
CA LEU A 361 4.41 -19.47 -5.04
C LEU A 361 4.67 -20.54 -4.00
N VAL A 362 4.43 -21.78 -4.43
CA VAL A 362 4.57 -22.93 -3.54
C VAL A 362 5.30 -24.06 -4.26
N ARG A 363 6.02 -24.83 -3.47
CA ARG A 363 6.73 -26.03 -4.04
C ARG A 363 5.82 -27.20 -4.38
N ASN A 364 4.64 -27.21 -3.86
CA ASN A 364 3.70 -28.21 -4.08
C ASN A 364 2.33 -27.65 -3.65
N ARG A 365 1.38 -27.82 -4.54
CA ARG A 365 0.05 -27.27 -4.41
C ARG A 365 -0.79 -27.94 -3.36
N GLN A 366 -0.48 -29.21 -3.03
CA GLN A 366 -1.23 -29.92 -2.01
C GLN A 366 -0.75 -29.47 -0.68
N SER A 367 0.56 -29.54 -0.44
CA SER A 367 1.13 -29.17 0.85
C SER A 367 1.19 -27.63 1.09
N ARG A 368 1.21 -26.86 0.00
CA ARG A 368 1.39 -25.38 0.03
C ARG A 368 2.69 -24.93 0.65
N GLU A 369 3.73 -25.74 0.52
CA GLU A 369 5.00 -25.43 1.10
C GLU A 369 5.53 -24.15 0.36
N PRO A 370 5.91 -23.11 1.10
CA PRO A 370 6.38 -21.90 0.41
C PRO A 370 7.64 -22.05 -0.42
N ALA A 371 7.66 -21.40 -1.57
CA ALA A 371 8.79 -21.42 -2.50
C ALA A 371 9.64 -20.12 -2.42
N ARG A 372 10.32 -19.95 -1.31
CA ARG A 372 11.00 -18.70 -0.95
C ARG A 372 12.19 -18.40 -1.90
N ALA A 373 13.11 -19.36 -2.00
CA ALA A 373 14.28 -19.15 -2.87
C ALA A 373 13.86 -18.90 -4.32
N GLU A 374 12.86 -19.65 -4.76
CA GLU A 374 12.39 -19.58 -6.13
C GLU A 374 11.81 -18.18 -6.43
N THR A 375 11.12 -17.59 -5.46
CA THR A 375 10.53 -16.31 -5.66
C THR A 375 11.62 -15.23 -5.89
N ALA A 376 12.64 -15.23 -5.05
CA ALA A 376 13.68 -14.24 -5.18
C ALA A 376 14.39 -14.33 -6.51
N LYS A 377 14.68 -15.55 -6.95
CA LYS A 377 15.27 -15.75 -8.24
C LYS A 377 14.38 -15.31 -9.42
N LEU A 378 13.08 -15.55 -9.25
CA LEU A 378 12.09 -15.21 -10.26
C LEU A 378 12.12 -13.68 -10.52
N ILE A 379 12.00 -12.90 -9.45
CA ILE A 379 11.97 -11.46 -9.67
C ILE A 379 13.30 -10.91 -10.22
N TYR A 380 14.41 -11.55 -9.90
CA TYR A 380 15.77 -11.12 -10.40
C TYR A 380 15.76 -11.39 -11.92
N ARG A 381 15.34 -12.60 -12.33
CA ARG A 381 15.23 -12.91 -13.74
C ARG A 381 14.28 -12.00 -14.52
N ALA A 382 13.14 -11.68 -13.91
CA ALA A 382 12.24 -10.74 -14.49
C ALA A 382 12.90 -9.38 -14.74
N TYR A 383 13.63 -8.87 -13.75
CA TYR A 383 14.43 -7.64 -13.90
C TYR A 383 15.35 -7.73 -15.15
N GLU A 384 16.06 -8.86 -15.29
CA GLU A 384 16.95 -9.04 -16.43
C GLU A 384 16.17 -8.99 -17.76
N LEU A 385 14.92 -9.44 -17.74
CA LEU A 385 14.10 -9.59 -18.93
C LEU A 385 13.36 -8.29 -19.25
N GLY A 386 13.35 -7.34 -18.30
CA GLY A 386 12.74 -6.06 -18.46
C GLY A 386 11.37 -5.88 -17.78
N LEU A 387 11.16 -6.59 -16.71
CA LEU A 387 9.92 -6.38 -15.89
C LEU A 387 10.32 -6.18 -14.43
N VAL A 388 9.73 -5.17 -13.80
CA VAL A 388 10.01 -4.88 -12.38
C VAL A 388 8.83 -5.31 -11.51
N LEU A 389 9.07 -6.21 -10.60
CA LEU A 389 8.11 -6.54 -9.53
C LEU A 389 8.90 -7.07 -8.33
N TYR A 390 8.28 -6.94 -7.15
CA TYR A 390 8.89 -7.41 -5.95
C TYR A 390 8.09 -8.51 -5.29
N TYR A 391 8.60 -9.06 -4.19
CA TYR A 391 7.84 -9.98 -3.36
C TYR A 391 7.65 -9.48 -2.00
N VAL A 392 6.65 -10.08 -1.34
CA VAL A 392 6.33 -9.79 0.02
C VAL A 392 5.87 -11.09 0.67
N GLY A 393 5.41 -11.00 1.91
CA GLY A 393 4.81 -12.14 2.59
C GLY A 393 5.67 -12.58 3.74
N MET A 394 4.98 -13.13 4.75
CA MET A 394 5.60 -13.83 5.89
C MET A 394 6.65 -14.84 5.44
N ASN A 395 6.35 -15.62 4.38
CA ASN A 395 7.31 -16.57 3.85
C ASN A 395 8.10 -16.16 2.60
N GLY A 396 8.08 -14.86 2.22
CA GLY A 396 8.92 -14.41 1.16
C GLY A 396 8.57 -14.91 -0.21
N ASN A 397 7.31 -15.29 -0.36
CA ASN A 397 6.89 -16.08 -1.54
C ASN A 397 5.66 -15.58 -2.25
N VAL A 398 5.34 -14.30 -2.06
CA VAL A 398 4.19 -13.68 -2.75
C VAL A 398 4.64 -12.58 -3.70
N LEU A 399 4.47 -12.78 -5.00
CA LEU A 399 4.75 -11.72 -5.92
C LEU A 399 3.69 -10.63 -5.72
N GLU A 400 4.13 -9.36 -5.71
CA GLU A 400 3.24 -8.25 -5.54
C GLU A 400 3.06 -7.54 -6.88
N MET A 401 1.82 -7.34 -7.29
CA MET A 401 1.57 -6.51 -8.50
C MET A 401 0.65 -5.37 -8.14
N THR A 402 1.17 -4.15 -8.23
CA THR A 402 0.42 -2.93 -7.96
C THR A 402 0.76 -1.90 -9.03
N PRO A 403 0.40 -2.15 -10.30
CA PRO A 403 0.85 -1.28 -11.37
C PRO A 403 0.11 0.05 -11.37
N PRO A 404 0.64 1.02 -12.09
CA PRO A 404 -0.14 2.23 -12.24
C PRO A 404 -1.59 1.94 -12.72
N LEU A 405 -2.55 2.72 -12.20
CA LEU A 405 -3.97 2.48 -12.59
C LEU A 405 -4.21 2.76 -14.09
N THR A 406 -3.33 3.60 -14.65
CA THR A 406 -3.35 4.02 -16.04
C THR A 406 -2.60 3.09 -16.93
N MET A 407 -2.04 1.99 -16.42
CA MET A 407 -1.30 1.02 -17.24
C MET A 407 -2.24 0.50 -18.36
N THR A 408 -1.76 0.48 -19.58
CA THR A 408 -2.66 0.09 -20.67
C THR A 408 -2.82 -1.42 -20.74
N GLU A 409 -3.88 -1.83 -21.44
CA GLU A 409 -4.16 -3.28 -21.69
C GLU A 409 -2.94 -3.91 -22.39
N ASP A 410 -2.33 -3.19 -23.34
CA ASP A 410 -1.10 -3.67 -23.98
C ASP A 410 0.10 -3.90 -23.01
N GLU A 411 0.35 -2.96 -22.09
CA GLU A 411 1.39 -3.09 -21.06
C GLU A 411 1.03 -4.26 -20.08
N VAL A 412 -0.23 -4.50 -19.77
CA VAL A 412 -0.61 -5.64 -18.95
C VAL A 412 -0.21 -6.89 -19.65
N ARG A 413 -0.60 -6.99 -20.93
CA ARG A 413 -0.17 -8.14 -21.78
C ARG A 413 1.33 -8.37 -21.78
N HIS A 414 2.09 -7.33 -22.06
CA HIS A 414 3.52 -7.46 -22.16
C HIS A 414 4.08 -7.96 -20.79
N ALA A 415 3.63 -7.36 -19.68
CA ALA A 415 4.09 -7.81 -18.35
C ALA A 415 3.82 -9.30 -18.10
N VAL A 416 2.58 -9.74 -18.47
CA VAL A 416 2.26 -11.14 -18.31
C VAL A 416 3.20 -12.05 -19.17
N ASN A 417 3.48 -11.63 -20.39
CA ASN A 417 4.40 -12.38 -21.24
C ASN A 417 5.80 -12.45 -20.65
N LEU A 418 6.29 -11.34 -20.13
CA LEU A 418 7.63 -11.27 -19.52
C LEU A 418 7.67 -12.15 -18.25
N LEU A 419 6.58 -12.12 -17.48
CA LEU A 419 6.50 -12.99 -16.31
C LEU A 419 6.55 -14.48 -16.67
N ASP A 420 5.88 -14.84 -17.78
CA ASP A 420 5.86 -16.22 -18.27
C ASP A 420 7.28 -16.67 -18.55
N GLN A 421 8.03 -15.78 -19.22
CA GLN A 421 9.44 -16.09 -19.48
C GLN A 421 10.23 -16.22 -18.18
N ALA A 422 10.00 -15.30 -17.23
CA ALA A 422 10.73 -15.39 -15.94
C ALA A 422 10.53 -16.74 -15.27
N PHE A 423 9.28 -17.23 -15.25
CA PHE A 423 8.97 -18.49 -14.61
C PHE A 423 9.72 -19.60 -15.29
N THR A 424 9.73 -19.60 -16.62
CA THR A 424 10.46 -20.56 -17.40
C THR A 424 11.98 -20.57 -17.05
N GLU A 425 12.60 -19.43 -16.71
CA GLU A 425 14.08 -19.32 -16.60
C GLU A 425 14.63 -19.00 -15.17
N LEU A 426 13.74 -19.09 -14.18
CA LEU A 426 14.08 -19.06 -12.75
C LEU A 426 15.43 -19.58 -12.29
N SER A 427 15.59 -20.88 -12.60
CA SER A 427 16.79 -21.70 -12.32
C SER A 427 18.14 -21.03 -12.71
N THR A 428 18.14 -20.33 -13.83
CA THR A 428 19.30 -19.70 -14.45
C THR A 428 20.00 -18.64 -13.58
N VAL A 429 19.29 -18.20 -12.55
CA VAL A 429 19.74 -17.17 -11.68
C VAL A 429 20.57 -17.83 -10.59
N SER A 430 21.79 -17.32 -10.36
CA SER A 430 22.70 -17.94 -9.42
C SER A 430 22.32 -17.50 -8.02
N ASP A 431 22.54 -18.43 -7.08
CA ASP A 431 22.27 -18.17 -5.68
C ASP A 431 23.13 -17.02 -5.15
N THR A 432 24.41 -16.99 -5.54
CA THR A 432 25.34 -15.98 -5.01
C THR A 432 24.91 -14.57 -5.44
N LEU A 433 24.57 -14.44 -6.72
CA LEU A 433 24.21 -13.15 -7.29
C LEU A 433 22.96 -12.60 -6.59
N VAL A 434 21.94 -13.45 -6.44
CA VAL A 434 20.70 -13.08 -5.72
C VAL A 434 20.91 -12.80 -4.24
N SER A 435 21.62 -13.68 -3.52
CA SER A 435 21.96 -13.38 -2.10
C SER A 435 22.81 -12.08 -1.82
N GLN A 436 23.41 -11.46 -2.87
CA GLN A 436 24.02 -10.12 -2.75
C GLN A 436 23.03 -9.06 -2.23
N PHE A 437 21.73 -9.25 -2.50
CA PHE A 437 20.73 -8.17 -2.28
C PHE A 437 19.98 -8.22 -0.95
N1 PLP B . 0.42 1.32 5.55
C2 PLP B . 0.31 0.46 4.53
C2A PLP B . -0.77 -0.52 4.43
C3 PLP B . 1.27 0.55 3.43
O3 PLP B . 1.19 -0.22 2.35
C4 PLP B . 2.34 1.56 3.48
C4A PLP B . 3.21 1.79 2.31
C5 PLP B . 2.45 2.36 4.68
C6 PLP B . 1.46 2.20 5.65
C5A PLP B . 3.58 3.30 4.87
O4P PLP B . 3.65 4.29 3.92
P PLP B . 5.10 5.04 3.78
O1P PLP B . 4.90 6.12 2.78
O2P PLP B . 6.15 3.96 3.37
O3P PLP B . 5.47 5.61 5.13
C1 EDO C . -11.81 -3.20 25.53
O1 EDO C . -11.63 -1.75 25.70
C2 EDO C . -12.62 -3.81 26.67
O2 EDO C . -13.85 -3.07 26.80
C1 EDO D . -17.55 2.76 -10.47
O1 EDO D . -18.05 1.95 -11.55
C2 EDO D . -18.55 2.86 -9.29
O2 EDO D . -19.82 2.31 -9.68
C1 EDO E . -16.68 -9.23 28.51
O1 EDO E . -15.47 -9.03 27.70
C2 EDO E . -17.87 -8.38 28.08
O2 EDO E . -17.45 -7.63 26.97
C1 EDO F . 4.29 -3.95 1.13
O1 EDO F . 3.28 -4.18 0.12
C2 EDO F . 4.20 -2.53 1.69
O2 EDO F . 4.40 -1.58 0.58
C1 EDO G . 2.73 -15.41 2.67
O1 EDO G . 4.17 -15.47 2.71
C2 EDO G . 2.16 -16.48 3.63
O2 EDO G . 2.57 -17.76 3.10
#